data_5IH4
#
_entry.id   5IH4
#
_cell.length_a   64.999
_cell.length_b   64.999
_cell.length_c   152.881
_cell.angle_alpha   90.000
_cell.angle_beta   90.000
_cell.angle_gamma   120.000
#
_symmetry.space_group_name_H-M   'P 31 2 1'
#
loop_
_entity.id
_entity.type
_entity.pdbx_description
1 polymer 'Casein kinase I isoform delta'
2 non-polymer 'ZINC ION'
3 non-polymer 'S,R MESO-TARTARIC ACID'
4 non-polymer 'SULFATE ION'
5 water water
#
_entity_poly.entity_id   1
_entity_poly.type   'polypeptide(L)'
_entity_poly.pdbx_seq_one_letter_code
;MELRVGNRYRLGRKIGSGSFGDIYLGTDIAAGEEVAIKLECVKTKHPQLHIESKIYKMMQGGVGIPTIRWCGAEGDYNVM
VMELLGPSLEDLFNFCSRKFSLKTVLLLADQMISRIEYIHSKNFIHRDVKPDNFLMGLGKKGNLVYIIDFGLAKKYRDAR
THQHIPYRENKNLTGTARYASINTHLGIEQSRRDDLESLGYVLMYFNLGSLPWQGLKAATKRQKYERISEKKMSTPIEVL
CKGYPSEFATYLNFCRSLRFDDKPDYSYLRQLFRNLFHRQGFSYDYVFDWNMLK
;
_entity_poly.pdbx_strand_id   A
#
loop_
_chem_comp.id
_chem_comp.type
_chem_comp.name
_chem_comp.formula
SO4 non-polymer 'SULFATE ION' 'O4 S -2'
SRT non-polymer 'S,R MESO-TARTARIC ACID' 'C4 H6 O6'
ZN non-polymer 'ZINC ION' 'Zn 2'
#
# COMPACT_ATOMS: atom_id res chain seq x y z
N GLU A 2 -21.00 12.95 21.83
CA GLU A 2 -22.02 12.59 20.79
C GLU A 2 -21.88 13.41 19.48
N LEU A 3 -20.73 13.23 18.84
CA LEU A 3 -20.30 14.09 17.72
C LEU A 3 -20.93 13.56 16.42
N ARG A 4 -21.44 14.47 15.59
CA ARG A 4 -22.24 14.11 14.45
C ARG A 4 -21.80 14.86 13.22
N VAL A 5 -21.52 14.13 12.18
CA VAL A 5 -21.11 14.78 10.96
C VAL A 5 -22.38 15.22 10.24
N GLY A 6 -22.74 16.49 10.51
CA GLY A 6 -24.04 17.06 10.12
C GLY A 6 -25.16 16.18 10.66
N ASN A 7 -26.23 16.08 9.87
CA ASN A 7 -27.28 15.08 10.05
C ASN A 7 -26.97 13.62 9.92
N ARG A 8 -26.29 13.24 8.83
CA ARG A 8 -26.15 11.84 8.44
C ARG A 8 -25.27 10.88 9.26
N TYR A 9 -24.08 11.29 9.76
CA TYR A 9 -23.13 10.32 10.35
C TYR A 9 -22.81 10.66 11.81
N ARG A 10 -22.63 9.63 12.64
CA ARG A 10 -22.18 9.87 13.97
C ARG A 10 -20.73 9.34 14.11
N LEU A 11 -19.85 10.18 14.62
CA LEU A 11 -18.43 9.89 14.78
C LEU A 11 -18.12 9.02 15.99
N GLY A 12 -17.06 8.24 15.89
CA GLY A 12 -16.63 7.18 16.83
C GLY A 12 -15.13 7.23 17.00
N ARG A 13 -14.49 6.13 17.45
CA ARG A 13 -13.05 6.14 17.78
C ARG A 13 -12.15 6.21 16.55
N LYS A 14 -10.91 6.61 16.79
CA LYS A 14 -9.92 6.55 15.76
C LYS A 14 -9.62 5.06 15.44
N ILE A 15 -9.53 4.77 14.15
CA ILE A 15 -9.28 3.38 13.67
C ILE A 15 -8.12 3.33 12.67
N GLY A 16 -7.56 4.46 12.28
CA GLY A 16 -6.48 4.47 11.32
C GLY A 16 -5.75 5.77 11.37
N SER A 17 -4.52 5.74 10.87
CA SER A 17 -3.68 6.88 10.78
C SER A 17 -3.25 7.07 9.30
N GLY A 18 -3.54 8.19 8.63
CA GLY A 18 -3.20 8.37 7.18
C GLY A 18 -2.05 9.36 6.98
N SER A 19 -1.58 9.49 5.76
CA SER A 19 -0.47 10.42 5.47
C SER A 19 -0.88 11.85 5.82
N PHE A 20 -2.16 12.19 5.68
CA PHE A 20 -2.69 13.53 6.06
C PHE A 20 -4.01 13.24 6.80
N GLY A 21 -3.95 13.27 8.10
CA GLY A 21 -5.13 12.94 8.92
C GLY A 21 -5.49 11.48 9.18
N ASP A 22 -6.25 11.32 10.24
CA ASP A 22 -6.70 10.05 10.69
C ASP A 22 -8.07 9.65 10.21
N ILE A 23 -8.34 8.36 10.44
CA ILE A 23 -9.55 7.71 10.01
C ILE A 23 -10.26 7.34 11.31
N TYR A 24 -11.54 7.67 11.29
CA TYR A 24 -12.42 7.43 12.41
C TYR A 24 -13.55 6.46 12.01
N LEU A 25 -13.97 5.70 13.01
CA LEU A 25 -15.12 4.80 12.89
C LEU A 25 -16.38 5.66 12.86
N GLY A 26 -17.29 5.42 11.94
CA GLY A 26 -18.55 6.15 11.87
C GLY A 26 -19.75 5.25 11.72
N THR A 27 -20.92 5.83 11.98
CA THR A 27 -22.21 5.18 11.60
C THR A 27 -23.03 6.02 10.62
N ASP A 28 -23.50 5.40 9.55
CA ASP A 28 -24.37 6.05 8.60
C ASP A 28 -25.76 5.89 9.24
N ILE A 29 -26.37 7.03 9.56
CA ILE A 29 -27.65 7.07 10.31
C ILE A 29 -28.85 6.53 9.50
N ALA A 30 -28.89 6.92 8.24
CA ALA A 30 -29.83 6.34 7.29
C ALA A 30 -29.60 4.85 7.03
N ALA A 31 -28.39 4.28 7.07
CA ALA A 31 -28.30 2.87 6.64
C ALA A 31 -28.43 1.87 7.78
N GLY A 32 -28.23 2.29 9.01
CA GLY A 32 -27.85 1.27 10.02
C GLY A 32 -26.58 0.45 9.70
N GLU A 33 -25.46 1.16 9.56
CA GLU A 33 -24.27 0.68 8.86
C GLU A 33 -22.99 1.38 9.37
N GLU A 34 -21.92 0.66 9.63
CA GLU A 34 -20.65 1.30 9.96
C GLU A 34 -19.88 1.74 8.70
N VAL A 35 -19.17 2.86 8.82
CA VAL A 35 -18.31 3.45 7.75
C VAL A 35 -17.00 3.98 8.34
N ALA A 36 -16.06 4.39 7.47
CA ALA A 36 -14.79 4.99 7.83
C ALA A 36 -14.90 6.45 7.43
N ILE A 37 -14.52 7.38 8.30
CA ILE A 37 -14.64 8.85 8.08
C ILE A 37 -13.32 9.54 8.26
N LYS A 38 -13.04 10.39 7.29
CA LYS A 38 -11.89 11.30 7.36
C LYS A 38 -12.41 12.76 7.43
N LEU A 39 -11.77 13.63 8.24
CA LEU A 39 -12.21 15.02 8.45
C LEU A 39 -11.07 15.94 8.22
N GLU A 40 -11.28 17.12 7.64
CA GLU A 40 -10.23 18.15 7.45
C GLU A 40 -10.91 19.51 7.73
N CYS A 41 -10.25 20.33 8.56
CA CYS A 41 -10.76 21.68 8.83
C CYS A 41 -10.73 22.48 7.50
N VAL A 42 -11.81 23.20 7.19
CA VAL A 42 -11.91 24.05 5.94
C VAL A 42 -10.81 25.16 5.87
N LYS A 43 -10.31 25.55 7.06
CA LYS A 43 -9.16 26.46 7.23
C LYS A 43 -7.79 25.89 7.00
N THR A 44 -7.64 24.57 6.85
CA THR A 44 -6.40 23.97 6.56
C THR A 44 -5.70 24.76 5.46
N LYS A 45 -4.39 24.92 5.62
CA LYS A 45 -3.54 25.76 4.76
C LYS A 45 -3.47 25.21 3.41
N HIS A 46 -3.28 23.89 3.30
CA HIS A 46 -3.33 23.20 2.00
C HIS A 46 -4.32 22.03 2.02
N PRO A 47 -5.63 22.28 1.75
CA PRO A 47 -6.62 21.16 1.77
C PRO A 47 -6.25 20.03 0.76
N GLN A 48 -6.36 18.76 1.14
CA GLN A 48 -6.08 17.66 0.16
C GLN A 48 -7.15 16.52 0.12
N LEU A 49 -8.12 16.61 1.04
CA LEU A 49 -9.14 15.58 1.16
C LEU A 49 -9.94 15.39 -0.11
N HIS A 50 -10.35 16.47 -0.72
CA HIS A 50 -11.13 16.34 -1.99
C HIS A 50 -10.27 15.83 -3.12
N ILE A 51 -9.02 16.32 -3.18
CA ILE A 51 -7.98 15.81 -4.09
C ILE A 51 -7.77 14.29 -4.01
N GLU A 52 -7.67 13.77 -2.80
CA GLU A 52 -7.45 12.37 -2.58
C GLU A 52 -8.68 11.54 -2.91
N SER A 53 -9.88 12.01 -2.53
CA SER A 53 -11.16 11.43 -2.98
C SER A 53 -11.32 11.29 -4.47
N LYS A 54 -10.92 12.31 -5.19
CA LYS A 54 -10.92 12.27 -6.66
C LYS A 54 -10.11 11.09 -7.26
N ILE A 55 -8.93 10.84 -6.71
CA ILE A 55 -8.09 9.70 -7.12
C ILE A 55 -8.85 8.39 -6.84
N TYR A 56 -9.35 8.24 -5.63
CA TYR A 56 -10.16 7.07 -5.36
C TYR A 56 -11.27 6.81 -6.38
N LYS A 57 -12.03 7.86 -6.64
CA LYS A 57 -13.11 7.79 -7.64
C LYS A 57 -12.61 7.51 -9.05
N MET A 58 -11.47 8.06 -9.39
CA MET A 58 -10.81 7.71 -10.63
CA MET A 58 -10.81 7.75 -10.64
C MET A 58 -10.51 6.22 -10.70
N MET A 59 -10.18 5.61 -9.56
CA MET A 59 -9.80 4.18 -9.48
C MET A 59 -11.04 3.28 -9.35
N GLN A 60 -12.24 3.83 -9.27
CA GLN A 60 -13.34 3.08 -8.69
C GLN A 60 -13.67 1.90 -9.62
N GLY A 61 -14.15 0.81 -9.06
CA GLY A 61 -14.38 -0.40 -9.86
C GLY A 61 -13.12 -1.28 -10.08
N GLY A 62 -11.89 -0.73 -9.92
CA GLY A 62 -10.71 -1.57 -9.79
C GLY A 62 -10.89 -2.64 -8.69
N VAL A 63 -10.44 -3.85 -8.91
CA VAL A 63 -10.48 -4.87 -7.84
C VAL A 63 -9.60 -4.38 -6.68
N GLY A 64 -10.13 -4.41 -5.47
CA GLY A 64 -9.38 -4.06 -4.24
C GLY A 64 -9.17 -2.55 -3.98
N ILE A 65 -10.04 -1.73 -4.56
CA ILE A 65 -10.06 -0.28 -4.34
C ILE A 65 -11.28 0.04 -3.52
N PRO A 66 -11.13 0.68 -2.35
CA PRO A 66 -12.33 1.04 -1.57
C PRO A 66 -13.24 2.05 -2.30
N THR A 67 -14.49 1.99 -1.98
CA THR A 67 -15.48 2.88 -2.50
C THR A 67 -15.72 4.06 -1.58
N ILE A 68 -15.88 5.24 -2.15
CA ILE A 68 -16.21 6.52 -1.47
C ILE A 68 -17.73 6.66 -1.42
N ARG A 69 -18.30 6.82 -0.23
CA ARG A 69 -19.74 6.98 -0.09
C ARG A 69 -20.06 8.48 -0.30
N TRP A 70 -19.21 9.38 0.13
CA TRP A 70 -19.47 10.80 0.08
C TRP A 70 -18.20 11.60 0.29
N CYS A 71 -18.11 12.71 -0.44
CA CYS A 71 -17.12 13.73 -0.22
C CYS A 71 -17.84 15.08 -0.36
N GLY A 72 -17.69 15.95 0.64
CA GLY A 72 -18.11 17.32 0.53
C GLY A 72 -17.75 18.17 1.76
N ALA A 73 -18.13 19.44 1.71
CA ALA A 73 -18.03 20.33 2.87
C ALA A 73 -19.30 20.25 3.74
N GLU A 74 -19.11 20.23 5.04
CA GLU A 74 -20.22 20.16 5.99
C GLU A 74 -19.76 20.95 7.22
N GLY A 75 -20.37 22.09 7.52
CA GLY A 75 -19.94 22.89 8.67
C GLY A 75 -18.52 23.45 8.45
N ASP A 76 -17.63 23.24 9.41
CA ASP A 76 -16.26 23.72 9.34
C ASP A 76 -15.30 22.61 8.84
N TYR A 77 -15.87 21.53 8.31
CA TYR A 77 -15.09 20.42 7.77
C TYR A 77 -15.32 20.08 6.32
N ASN A 78 -14.23 19.73 5.68
CA ASN A 78 -14.33 18.87 4.52
C ASN A 78 -14.39 17.43 5.07
N VAL A 79 -15.28 16.62 4.52
CA VAL A 79 -15.54 15.27 4.96
C VAL A 79 -15.43 14.24 3.80
N MET A 80 -14.79 13.11 4.11
CA MET A 80 -14.71 11.91 3.20
C MET A 80 -15.14 10.69 3.98
N VAL A 81 -16.16 10.02 3.43
CA VAL A 81 -16.78 8.82 4.03
C VAL A 81 -16.51 7.71 3.05
N MET A 82 -15.98 6.60 3.56
CA MET A 82 -15.67 5.44 2.73
C MET A 82 -16.16 4.16 3.29
N GLU A 83 -16.27 3.13 2.45
CA GLU A 83 -16.59 1.82 2.93
C GLU A 83 -15.60 1.36 3.97
N LEU A 84 -16.12 0.77 5.00
CA LEU A 84 -15.29 0.18 6.06
C LEU A 84 -14.64 -1.16 5.63
N LEU A 85 -13.33 -1.27 5.84
CA LEU A 85 -12.55 -2.48 5.54
C LEU A 85 -12.06 -3.15 6.85
N GLY A 86 -11.41 -4.30 6.71
CA GLY A 86 -10.96 -5.13 7.81
C GLY A 86 -9.56 -4.68 8.27
N PRO A 87 -8.85 -5.53 9.03
CA PRO A 87 -7.52 -5.25 9.57
C PRO A 87 -6.42 -5.04 8.47
N SER A 88 -5.37 -4.26 8.77
CA SER A 88 -4.23 -4.11 7.86
C SER A 88 -3.31 -5.35 7.96
N LEU A 89 -2.44 -5.46 6.99
CA LEU A 89 -1.55 -6.58 6.99
C LEU A 89 -0.58 -6.48 8.20
N GLU A 90 -0.28 -5.27 8.64
CA GLU A 90 0.62 -5.07 9.81
C GLU A 90 -0.06 -5.67 11.07
N ASP A 91 -1.33 -5.32 11.27
CA ASP A 91 -2.16 -5.91 12.34
C ASP A 91 -2.14 -7.39 12.33
N LEU A 92 -2.40 -7.96 11.15
CA LEU A 92 -2.47 -9.43 11.03
C LEU A 92 -1.10 -10.12 11.18
N PHE A 93 -0.04 -9.40 10.75
CA PHE A 93 1.29 -9.83 10.96
C PHE A 93 1.57 -9.99 12.47
N ASN A 94 1.22 -9.00 13.27
CA ASN A 94 1.32 -9.10 14.77
C ASN A 94 0.53 -10.19 15.42
N PHE A 95 -0.69 -10.44 14.96
CA PHE A 95 -1.37 -11.64 15.35
C PHE A 95 -0.74 -12.98 14.94
N CYS A 96 0.10 -12.99 13.90
CA CYS A 96 0.74 -14.22 13.41
C CYS A 96 2.16 -14.33 13.97
N SER A 97 2.43 -13.73 15.14
CA SER A 97 3.75 -13.74 15.73
C SER A 97 4.82 -13.13 14.91
N ARG A 98 4.42 -12.24 14.01
CA ARG A 98 5.33 -11.45 13.19
C ARG A 98 6.21 -12.36 12.30
N LYS A 99 5.60 -13.42 11.77
CA LYS A 99 6.19 -14.27 10.76
C LYS A 99 5.08 -14.85 9.89
N PHE A 100 5.14 -14.64 8.58
CA PHE A 100 4.16 -15.29 7.68
C PHE A 100 4.83 -16.52 7.06
N SER A 101 4.03 -17.57 6.81
CA SER A 101 4.45 -18.74 6.07
C SER A 101 4.66 -18.36 4.64
N LEU A 102 5.50 -19.14 3.96
CA LEU A 102 5.75 -18.87 2.59
C LEU A 102 4.46 -18.83 1.75
N LYS A 103 3.57 -19.77 1.95
CA LYS A 103 2.31 -19.80 1.22
C LYS A 103 1.51 -18.45 1.37
N THR A 104 1.44 -17.94 2.61
CA THR A 104 0.81 -16.63 2.85
C THR A 104 1.52 -15.50 2.08
N VAL A 105 2.84 -15.46 2.15
CA VAL A 105 3.58 -14.41 1.45
C VAL A 105 3.37 -14.43 -0.09
N LEU A 106 3.31 -15.63 -0.63
CA LEU A 106 3.03 -15.81 -2.05
C LEU A 106 1.63 -15.46 -2.45
N LEU A 107 0.65 -15.84 -1.67
CA LEU A 107 -0.69 -15.38 -1.95
C LEU A 107 -0.85 -13.85 -1.90
N LEU A 108 -0.24 -13.24 -0.89
CA LEU A 108 -0.20 -11.83 -0.75
C LEU A 108 0.55 -11.18 -1.92
N ALA A 109 1.71 -11.71 -2.30
CA ALA A 109 2.47 -11.06 -3.40
C ALA A 109 1.72 -10.90 -4.75
N ASP A 110 0.97 -11.97 -5.02
CA ASP A 110 0.18 -12.02 -6.22
C ASP A 110 -0.90 -10.89 -6.33
N GLN A 111 -1.70 -10.75 -5.29
CA GLN A 111 -2.58 -9.61 -5.15
C GLN A 111 -1.92 -8.22 -5.10
N MET A 112 -0.86 -8.09 -4.29
CA MET A 112 -0.20 -6.81 -4.11
C MET A 112 0.40 -6.34 -5.43
N ILE A 113 1.07 -7.21 -6.20
CA ILE A 113 1.58 -6.80 -7.54
C ILE A 113 0.43 -6.34 -8.47
N SER A 114 -0.75 -6.99 -8.37
CA SER A 114 -1.86 -6.62 -9.23
C SER A 114 -2.48 -5.30 -8.84
N ARG A 115 -2.58 -4.98 -7.52
CA ARG A 115 -3.07 -3.62 -7.08
C ARG A 115 -2.14 -2.49 -7.64
N ILE A 116 -0.82 -2.70 -7.49
CA ILE A 116 0.14 -1.71 -7.98
C ILE A 116 0.03 -1.57 -9.48
N GLU A 117 -0.11 -2.70 -10.14
CA GLU A 117 -0.27 -2.70 -11.62
C GLU A 117 -1.54 -1.89 -12.03
N TYR A 118 -2.67 -2.06 -11.33
CA TYR A 118 -3.87 -1.36 -11.66
C TYR A 118 -3.77 0.16 -11.46
N ILE A 119 -3.15 0.52 -10.38
CA ILE A 119 -2.94 1.93 -10.08
C ILE A 119 -2.10 2.62 -11.16
N HIS A 120 -0.96 2.00 -11.54
CA HIS A 120 -0.09 2.48 -12.66
C HIS A 120 -0.83 2.63 -14.01
N SER A 121 -1.79 1.71 -14.24
CA SER A 121 -2.64 1.68 -15.45
C SER A 121 -3.58 2.90 -15.50
N LYS A 122 -3.92 3.48 -14.34
CA LYS A 122 -4.67 4.73 -14.18
C LYS A 122 -3.81 5.95 -14.00
N ASN A 123 -2.51 5.82 -14.28
CA ASN A 123 -1.59 6.90 -14.49
C ASN A 123 -1.07 7.47 -13.23
N PHE A 124 -1.16 6.74 -12.13
CA PHE A 124 -0.69 7.19 -10.84
C PHE A 124 0.33 6.16 -10.31
N ILE A 125 1.25 6.73 -9.51
CA ILE A 125 2.11 6.04 -8.54
C ILE A 125 1.65 6.35 -7.07
N HIS A 126 1.76 5.34 -6.21
CA HIS A 126 1.24 5.36 -4.86
C HIS A 126 2.17 6.09 -3.92
N ARG A 127 3.47 5.70 -3.96
CA ARG A 127 4.61 6.32 -3.22
C ARG A 127 4.75 6.04 -1.70
N ASP A 128 3.78 5.33 -1.09
CA ASP A 128 3.88 4.80 0.27
C ASP A 128 3.38 3.37 0.43
N VAL A 129 4.06 2.47 -0.31
CA VAL A 129 3.76 1.04 -0.30
C VAL A 129 4.34 0.45 0.96
N LYS A 130 3.42 -0.01 1.79
CA LYS A 130 3.79 -0.52 3.12
C LYS A 130 2.65 -1.41 3.70
N PRO A 131 2.96 -2.27 4.70
CA PRO A 131 1.93 -3.14 5.26
C PRO A 131 0.68 -2.47 5.81
N ASP A 132 0.80 -1.29 6.40
CA ASP A 132 -0.33 -0.60 6.92
C ASP A 132 -1.29 -0.06 5.85
N ASN A 133 -0.84 0.14 4.62
CA ASN A 133 -1.69 0.57 3.54
C ASN A 133 -2.33 -0.57 2.75
N PHE A 134 -2.25 -1.81 3.22
CA PHE A 134 -3.01 -2.93 2.67
C PHE A 134 -3.95 -3.52 3.76
N LEU A 135 -5.21 -3.60 3.43
CA LEU A 135 -6.26 -4.03 4.32
C LEU A 135 -7.07 -5.18 3.67
N MET A 136 -7.46 -6.15 4.49
CA MET A 136 -8.38 -7.22 4.05
C MET A 136 -9.81 -6.70 4.01
N GLY A 137 -10.57 -7.23 3.05
CA GLY A 137 -12.00 -7.00 2.93
C GLY A 137 -12.84 -7.71 3.99
N LEU A 138 -14.12 -7.34 4.02
CA LEU A 138 -15.09 -7.87 4.95
C LEU A 138 -16.00 -8.84 4.28
N GLY A 139 -16.61 -9.67 5.14
CA GLY A 139 -17.46 -10.78 4.73
C GLY A 139 -16.94 -11.66 3.61
N LYS A 140 -17.64 -11.56 2.51
CA LYS A 140 -17.41 -12.36 1.35
C LYS A 140 -16.16 -11.90 0.65
N LYS A 141 -15.70 -10.68 0.97
CA LYS A 141 -14.40 -10.13 0.43
C LYS A 141 -13.18 -10.29 1.37
N GLY A 142 -13.36 -11.06 2.45
CA GLY A 142 -12.29 -11.34 3.43
C GLY A 142 -11.00 -11.93 2.87
N ASN A 143 -11.07 -12.52 1.67
CA ASN A 143 -9.96 -13.11 0.95
CA ASN A 143 -9.93 -13.10 0.95
C ASN A 143 -9.26 -12.11 -0.02
N LEU A 144 -9.78 -10.88 -0.09
CA LEU A 144 -9.25 -9.86 -0.97
C LEU A 144 -8.43 -8.82 -0.22
N VAL A 145 -7.26 -8.56 -0.80
CA VAL A 145 -6.38 -7.49 -0.30
C VAL A 145 -6.77 -6.17 -0.97
N TYR A 146 -7.05 -5.13 -0.16
CA TYR A 146 -7.26 -3.79 -0.62
C TYR A 146 -6.03 -2.90 -0.44
N ILE A 147 -5.85 -1.97 -1.36
CA ILE A 147 -4.88 -0.90 -1.19
C ILE A 147 -5.60 0.42 -0.81
N ILE A 148 -5.07 1.12 0.18
CA ILE A 148 -5.64 2.43 0.62
C ILE A 148 -4.57 3.53 0.67
N ASP A 149 -5.10 4.71 0.89
CA ASP A 149 -4.36 5.92 1.22
C ASP A 149 -3.64 6.51 -0.03
N PHE A 150 -4.30 7.40 -0.69
CA PHE A 150 -3.69 8.06 -1.83
C PHE A 150 -3.18 9.49 -1.63
N GLY A 151 -2.80 9.82 -0.39
CA GLY A 151 -2.48 11.18 -0.03
C GLY A 151 -1.12 11.52 -0.52
N LEU A 152 -0.25 10.55 -0.64
CA LEU A 152 1.08 10.77 -1.28
C LEU A 152 1.19 10.39 -2.75
N ALA A 153 0.06 10.00 -3.34
CA ALA A 153 -0.06 9.47 -4.68
C ALA A 153 0.14 10.62 -5.66
N LYS A 154 0.72 10.38 -6.83
CA LYS A 154 1.05 11.43 -7.76
C LYS A 154 0.82 10.90 -9.12
N LYS A 155 0.37 11.72 -10.05
CA LYS A 155 0.29 11.28 -11.46
C LYS A 155 1.68 11.18 -12.20
N TYR A 156 2.03 10.07 -12.90
CA TYR A 156 3.43 9.94 -13.47
C TYR A 156 3.40 10.18 -15.01
N ARG A 157 2.20 10.15 -15.57
CA ARG A 157 2.00 10.41 -16.96
C ARG A 157 0.66 11.07 -17.27
N ASP A 158 0.67 11.92 -18.30
CA ASP A 158 -0.54 12.56 -18.82
C ASP A 158 -1.40 11.47 -19.38
N ALA A 159 -2.67 11.54 -19.02
CA ALA A 159 -3.69 10.57 -19.39
C ALA A 159 -3.91 10.41 -20.90
N ARG A 160 -4.01 11.52 -21.62
CA ARG A 160 -4.22 11.40 -23.08
C ARG A 160 -2.93 11.03 -23.85
N THR A 161 -1.92 11.93 -23.77
CA THR A 161 -0.58 11.80 -24.45
C THR A 161 0.33 10.71 -23.87
N HIS A 162 0.16 10.36 -22.59
CA HIS A 162 1.10 9.46 -21.96
C HIS A 162 2.54 10.08 -21.78
N GLN A 163 2.68 11.37 -21.93
CA GLN A 163 3.94 12.02 -21.64
C GLN A 163 4.29 11.73 -20.18
N HIS A 164 5.44 11.09 -19.95
CA HIS A 164 5.92 10.73 -18.62
C HIS A 164 6.50 11.93 -17.95
N ILE A 165 6.33 12.05 -16.64
CA ILE A 165 6.93 13.16 -15.86
C ILE A 165 8.47 13.20 -15.99
N PRO A 166 9.07 14.40 -15.87
CA PRO A 166 10.50 14.52 -16.09
C PRO A 166 11.31 13.97 -14.92
N TYR A 167 12.44 13.42 -15.28
CA TYR A 167 13.50 13.11 -14.35
C TYR A 167 13.94 14.32 -13.53
N ARG A 168 13.97 14.15 -12.21
CA ARG A 168 14.52 15.13 -11.27
C ARG A 168 15.28 14.46 -10.19
N GLU A 169 16.03 15.29 -9.49
CA GLU A 169 16.79 14.91 -8.34
C GLU A 169 16.58 15.94 -7.18
N ASN A 170 17.37 15.80 -6.13
CA ASN A 170 17.31 16.62 -4.93
C ASN A 170 15.96 16.61 -4.23
N LYS A 171 15.26 15.48 -4.31
CA LYS A 171 13.90 15.34 -3.76
C LYS A 171 14.00 14.99 -2.28
N ASN A 172 13.13 15.57 -1.47
CA ASN A 172 12.95 15.02 -0.15
C ASN A 172 12.13 13.74 -0.12
N LEU A 173 12.47 12.89 0.83
CA LEU A 173 11.89 11.56 0.87
C LEU A 173 10.37 11.66 1.10
N THR A 174 9.61 10.94 0.34
CA THR A 174 8.19 10.84 0.63
C THR A 174 7.97 9.37 0.86
N GLY A 175 7.15 9.10 1.89
CA GLY A 175 6.85 7.76 2.32
C GLY A 175 7.73 7.27 3.46
N THR A 176 7.60 6.02 3.86
CA THR A 176 8.31 5.50 5.05
C THR A 176 9.72 5.11 4.67
N ALA A 177 10.69 5.46 5.50
CA ALA A 177 12.07 5.26 5.18
C ALA A 177 12.36 3.74 5.10
N ARG A 178 11.76 2.98 6.00
CA ARG A 178 11.96 1.53 6.01
C ARG A 178 11.74 0.78 4.64
N TYR A 179 10.76 1.15 3.83
CA TYR A 179 10.39 0.42 2.64
C TYR A 179 10.75 1.26 1.43
N ALA A 180 11.47 2.37 1.64
CA ALA A 180 11.74 3.26 0.53
C ALA A 180 12.78 2.59 -0.38
N SER A 181 12.70 2.91 -1.68
CA SER A 181 13.66 2.45 -2.66
C SER A 181 15.02 3.18 -2.47
N ILE A 182 16.07 2.54 -2.96
CA ILE A 182 17.40 3.12 -2.80
C ILE A 182 17.49 4.44 -3.54
N ASN A 183 16.91 4.50 -4.72
CA ASN A 183 16.89 5.74 -5.46
C ASN A 183 16.10 6.85 -4.79
N THR A 184 15.06 6.47 -4.02
CA THR A 184 14.33 7.43 -3.28
C THR A 184 15.18 8.07 -2.19
N HIS A 185 16.04 7.29 -1.56
CA HIS A 185 16.96 7.77 -0.55
C HIS A 185 18.04 8.64 -1.13
N LEU A 186 18.33 8.41 -2.40
CA LEU A 186 19.28 9.19 -3.13
C LEU A 186 18.65 10.48 -3.70
N GLY A 187 17.40 10.79 -3.36
CA GLY A 187 16.78 12.06 -3.85
C GLY A 187 16.21 12.02 -5.29
N ILE A 188 16.16 10.85 -5.93
CA ILE A 188 15.58 10.81 -7.32
C ILE A 188 14.04 10.82 -7.30
N GLU A 189 13.45 11.52 -8.25
CA GLU A 189 11.98 11.53 -8.45
C GLU A 189 11.49 10.07 -8.51
N GLN A 190 10.44 9.73 -7.77
CA GLN A 190 9.85 8.38 -7.83
C GLN A 190 9.09 8.09 -9.12
N SER A 191 9.08 6.82 -9.53
CA SER A 191 8.38 6.38 -10.70
C SER A 191 7.79 4.96 -10.43
N ARG A 192 7.26 4.32 -11.50
CA ARG A 192 6.70 3.00 -11.35
C ARG A 192 7.65 1.98 -10.67
N ARG A 193 8.93 2.02 -11.00
CA ARG A 193 9.89 1.06 -10.49
C ARG A 193 9.93 1.05 -8.95
N ASP A 194 9.74 2.23 -8.41
CA ASP A 194 9.94 2.46 -7.00
C ASP A 194 8.82 1.89 -6.11
N ASP A 195 7.60 1.89 -6.61
CA ASP A 195 6.46 1.25 -5.96
C ASP A 195 6.78 -0.29 -5.91
N LEU A 196 7.34 -0.86 -6.97
CA LEU A 196 7.57 -2.29 -7.02
C LEU A 196 8.75 -2.70 -6.15
N GLU A 197 9.80 -1.88 -6.15
CA GLU A 197 10.91 -2.12 -5.23
C GLU A 197 10.50 -2.09 -3.75
N SER A 198 9.68 -1.14 -3.32
CA SER A 198 9.13 -1.15 -1.96
C SER A 198 8.38 -2.41 -1.58
N LEU A 199 7.55 -2.82 -2.51
CA LEU A 199 6.83 -4.10 -2.33
C LEU A 199 7.78 -5.29 -2.06
N GLY A 200 8.96 -5.31 -2.69
CA GLY A 200 9.90 -6.36 -2.47
C GLY A 200 10.43 -6.33 -1.05
N TYR A 201 10.65 -5.10 -0.52
CA TYR A 201 11.12 -5.01 0.87
C TYR A 201 10.03 -5.43 1.81
N VAL A 202 8.79 -5.01 1.53
CA VAL A 202 7.65 -5.50 2.29
C VAL A 202 7.56 -7.04 2.27
N LEU A 203 7.76 -7.72 1.13
CA LEU A 203 7.70 -9.21 1.11
C LEU A 203 8.81 -9.84 1.96
N MET A 204 9.98 -9.26 1.93
CA MET A 204 11.07 -9.82 2.73
C MET A 204 10.90 -9.57 4.21
N TYR A 205 10.40 -8.39 4.56
CA TYR A 205 9.88 -8.13 5.88
C TYR A 205 8.92 -9.18 6.43
N PHE A 206 7.97 -9.64 5.60
CA PHE A 206 7.03 -10.68 6.00
C PHE A 206 7.69 -12.02 6.16
N ASN A 207 8.70 -12.34 5.32
CA ASN A 207 9.49 -13.61 5.47
C ASN A 207 10.38 -13.60 6.71
N LEU A 208 11.07 -12.50 6.88
CA LEU A 208 12.06 -12.34 7.98
C LEU A 208 11.50 -11.98 9.37
N GLY A 209 10.42 -11.20 9.44
CA GLY A 209 9.94 -10.61 10.71
C GLY A 209 10.51 -9.22 10.96
N SER A 210 11.52 -8.87 10.18
CA SER A 210 12.23 -7.62 10.40
C SER A 210 13.15 -7.39 9.21
N LEU A 211 13.49 -6.13 8.91
CA LEU A 211 14.62 -5.80 8.03
C LEU A 211 15.94 -5.39 8.76
N PRO A 212 17.08 -5.65 8.12
CA PRO A 212 18.39 -5.40 8.66
C PRO A 212 18.59 -3.92 8.96
N TRP A 213 17.81 -3.02 8.35
CA TRP A 213 17.94 -1.57 8.62
C TRP A 213 16.95 -1.08 9.69
N GLN A 214 16.14 -1.98 10.19
CA GLN A 214 15.37 -1.68 11.40
C GLN A 214 16.28 -1.64 12.60
N GLY A 215 15.85 -0.90 13.62
CA GLY A 215 16.47 -0.90 14.99
C GLY A 215 17.95 -0.52 15.09
N LEU A 216 18.30 0.67 14.64
CA LEU A 216 19.73 1.08 14.60
C LEU A 216 20.10 2.00 15.84
N GLN A 223 20.60 12.30 10.87
CA GLN A 223 21.45 11.15 11.18
C GLN A 223 20.78 9.81 10.86
N LYS A 224 19.54 9.64 11.32
CA LYS A 224 18.82 8.36 11.22
C LYS A 224 18.53 7.98 9.78
N TYR A 225 18.06 8.91 8.98
CA TYR A 225 17.86 8.61 7.57
C TYR A 225 19.10 8.25 6.78
N GLU A 226 20.23 8.94 7.01
CA GLU A 226 21.52 8.54 6.41
C GLU A 226 21.95 7.17 6.87
N ARG A 227 21.58 6.77 8.08
CA ARG A 227 21.96 5.51 8.67
C ARG A 227 21.19 4.35 8.07
N ILE A 228 19.86 4.47 7.88
CA ILE A 228 19.04 3.50 7.09
C ILE A 228 19.50 3.37 5.61
N SER A 229 19.62 4.50 4.96
CA SER A 229 20.14 4.55 3.63
C SER A 229 21.46 3.76 3.45
N GLU A 230 22.42 4.00 4.35
CA GLU A 230 23.74 3.31 4.41
C GLU A 230 23.54 1.83 4.50
N LYS A 231 22.90 1.41 5.58
CA LYS A 231 22.70 -0.01 5.82
C LYS A 231 21.99 -0.64 4.61
N LYS A 232 20.92 0.01 4.09
CA LYS A 232 20.17 -0.44 2.87
C LYS A 232 21.04 -0.58 1.61
N MET A 233 21.88 0.43 1.40
CA MET A 233 22.90 0.39 0.34
C MET A 233 24.08 -0.57 0.62
N SER A 234 24.46 -0.76 1.88
CA SER A 234 25.46 -1.75 2.31
C SER A 234 25.05 -3.21 2.29
N THR A 235 23.75 -3.50 2.28
CA THR A 235 23.30 -4.87 2.36
C THR A 235 22.94 -5.35 0.94
N PRO A 236 23.74 -6.27 0.41
CA PRO A 236 23.42 -6.88 -0.86
C PRO A 236 22.14 -7.75 -0.82
N ILE A 237 21.44 -7.72 -1.92
CA ILE A 237 20.22 -8.46 -2.09
C ILE A 237 20.43 -9.96 -1.74
N GLU A 238 21.50 -10.58 -2.22
CA GLU A 238 21.84 -11.96 -1.84
C GLU A 238 21.89 -12.15 -0.34
N VAL A 239 22.47 -11.21 0.38
CA VAL A 239 22.57 -11.27 1.86
C VAL A 239 21.16 -11.12 2.47
N LEU A 240 20.42 -10.10 2.01
CA LEU A 240 19.04 -9.83 2.52
C LEU A 240 18.18 -11.07 2.36
N CYS A 241 18.29 -11.76 1.21
CA CYS A 241 17.40 -12.89 0.90
C CYS A 241 17.95 -14.30 1.14
N LYS A 242 19.14 -14.44 1.75
CA LYS A 242 19.74 -15.73 2.19
C LYS A 242 18.81 -16.64 3.00
N GLY A 243 18.63 -17.85 2.53
CA GLY A 243 17.77 -18.79 3.22
C GLY A 243 16.31 -18.78 2.77
N TYR A 244 15.99 -18.01 1.71
CA TYR A 244 14.64 -17.83 1.24
C TYR A 244 14.71 -18.17 -0.25
N PRO A 245 13.58 -18.56 -0.93
CA PRO A 245 13.64 -18.89 -2.36
C PRO A 245 14.22 -17.77 -3.18
N SER A 246 15.01 -18.13 -4.17
CA SER A 246 15.69 -17.23 -5.11
C SER A 246 14.78 -16.21 -5.79
N GLU A 247 13.49 -16.52 -5.91
CA GLU A 247 12.56 -15.57 -6.54
C GLU A 247 12.48 -14.18 -5.86
N PHE A 248 12.67 -14.14 -4.55
CA PHE A 248 12.71 -12.83 -3.80
C PHE A 248 13.86 -11.93 -4.20
N ALA A 249 15.02 -12.57 -4.39
CA ALA A 249 16.21 -11.85 -4.88
C ALA A 249 16.01 -11.46 -6.37
N THR A 250 15.48 -12.38 -7.18
CA THR A 250 15.27 -12.08 -8.54
C THR A 250 14.30 -10.92 -8.67
N TYR A 251 13.23 -10.93 -7.90
CA TYR A 251 12.25 -9.83 -7.94
C TYR A 251 12.98 -8.45 -7.70
N LEU A 252 13.81 -8.38 -6.64
CA LEU A 252 14.51 -7.16 -6.23
C LEU A 252 15.55 -6.73 -7.24
N ASN A 253 16.30 -7.67 -7.80
CA ASN A 253 17.23 -7.35 -8.85
C ASN A 253 16.57 -6.77 -10.05
N PHE A 254 15.45 -7.31 -10.46
CA PHE A 254 14.79 -6.77 -11.61
C PHE A 254 14.30 -5.35 -11.38
N CYS A 255 13.67 -5.13 -10.21
CA CYS A 255 13.15 -3.81 -9.88
C CYS A 255 14.27 -2.74 -9.93
N ARG A 256 15.40 -3.07 -9.33
CA ARG A 256 16.56 -2.17 -9.27
C ARG A 256 17.23 -2.00 -10.69
N SER A 257 16.97 -2.90 -11.62
CA SER A 257 17.48 -2.71 -12.97
C SER A 257 16.68 -1.72 -13.77
N LEU A 258 15.48 -1.42 -13.34
CA LEU A 258 14.60 -0.65 -14.16
C LEU A 258 15.05 0.78 -14.31
N ARG A 259 15.01 1.31 -15.52
CA ARG A 259 15.31 2.76 -15.74
C ARG A 259 14.06 3.61 -15.37
N PHE A 260 14.30 4.92 -15.22
CA PHE A 260 13.30 5.85 -14.63
C PHE A 260 11.90 5.76 -15.23
N ASP A 261 11.82 5.81 -16.54
CA ASP A 261 10.54 5.84 -17.15
C ASP A 261 10.09 4.49 -17.69
N ASP A 262 10.84 3.43 -17.38
CA ASP A 262 10.51 2.12 -17.91
C ASP A 262 9.17 1.57 -17.38
N LYS A 263 8.44 0.93 -18.27
CA LYS A 263 7.30 0.12 -17.88
C LYS A 263 7.73 -1.22 -17.25
N PRO A 264 7.34 -1.51 -15.98
CA PRO A 264 7.67 -2.86 -15.40
C PRO A 264 6.97 -4.04 -16.11
N ASP A 265 7.54 -5.25 -16.08
CA ASP A 265 6.87 -6.46 -16.55
C ASP A 265 6.19 -7.14 -15.33
N TYR A 266 4.98 -6.71 -15.12
CA TYR A 266 4.16 -7.22 -14.00
C TYR A 266 3.88 -8.71 -14.10
N SER A 267 3.64 -9.20 -15.32
CA SER A 267 3.38 -10.61 -15.55
C SER A 267 4.59 -11.46 -15.25
N TYR A 268 5.77 -11.05 -15.71
CA TYR A 268 7.00 -11.78 -15.35
C TYR A 268 7.14 -11.94 -13.82
N LEU A 269 6.93 -10.88 -13.06
CA LEU A 269 7.11 -10.91 -11.58
C LEU A 269 6.07 -11.77 -10.94
N ARG A 270 4.83 -11.65 -11.42
CA ARG A 270 3.79 -12.53 -10.83
C ARG A 270 4.09 -14.02 -11.15
N GLN A 271 4.49 -14.30 -12.38
CA GLN A 271 4.78 -15.66 -12.79
C GLN A 271 5.94 -16.33 -11.98
N LEU A 272 6.94 -15.53 -11.65
CA LEU A 272 8.00 -16.03 -10.81
C LEU A 272 7.41 -16.69 -9.58
N PHE A 273 6.46 -15.95 -8.99
CA PHE A 273 5.92 -16.43 -7.71
C PHE A 273 4.91 -17.59 -7.87
N ARG A 274 4.14 -17.50 -8.99
CA ARG A 274 3.19 -18.56 -9.29
C ARG A 274 3.94 -19.83 -9.54
N ASN A 275 5.10 -19.80 -10.18
CA ASN A 275 5.82 -21.04 -10.43
C ASN A 275 6.36 -21.66 -9.16
N LEU A 276 6.91 -20.80 -8.32
CA LEU A 276 7.35 -21.25 -7.02
C LEU A 276 6.21 -21.90 -6.23
N PHE A 277 5.05 -21.24 -6.20
CA PHE A 277 3.83 -21.75 -5.58
C PHE A 277 3.50 -23.19 -6.09
N HIS A 278 3.53 -23.41 -7.41
CA HIS A 278 3.34 -24.75 -7.98
C HIS A 278 4.34 -25.74 -7.44
N ARG A 279 5.61 -25.35 -7.42
CA ARG A 279 6.68 -26.30 -6.98
C ARG A 279 6.58 -26.65 -5.53
N GLN A 280 5.94 -25.79 -4.74
CA GLN A 280 5.88 -26.00 -3.30
C GLN A 280 4.69 -26.93 -2.97
N GLY A 281 3.75 -27.11 -3.89
CA GLY A 281 2.57 -27.98 -3.68
C GLY A 281 1.38 -27.40 -2.89
N PHE A 282 1.34 -26.09 -2.62
CA PHE A 282 0.26 -25.37 -1.92
C PHE A 282 -1.06 -25.40 -2.71
N SER A 283 -2.15 -25.48 -1.97
CA SER A 283 -3.47 -25.32 -2.54
C SER A 283 -3.71 -23.79 -2.72
N TYR A 284 -4.16 -23.37 -3.89
CA TYR A 284 -4.69 -22.02 -4.11
C TYR A 284 -6.11 -21.81 -3.49
N ASP A 285 -6.15 -21.83 -2.17
CA ASP A 285 -7.40 -21.91 -1.43
C ASP A 285 -7.70 -20.56 -0.65
N TYR A 286 -6.88 -19.52 -0.84
CA TYR A 286 -6.95 -18.28 -0.05
C TYR A 286 -7.11 -18.50 1.47
N VAL A 287 -6.48 -19.53 2.01
CA VAL A 287 -6.43 -19.80 3.42
C VAL A 287 -5.09 -19.27 3.92
N PHE A 288 -5.20 -18.08 4.53
CA PHE A 288 -4.08 -17.34 5.10
C PHE A 288 -3.71 -17.80 6.52
N ASP A 289 -2.51 -17.48 6.91
CA ASP A 289 -2.08 -17.88 8.21
C ASP A 289 -3.04 -17.47 9.34
N TRP A 290 -3.64 -16.29 9.23
CA TRP A 290 -4.58 -15.84 10.23
C TRP A 290 -5.89 -16.56 10.26
N ASN A 291 -6.28 -17.18 9.14
CA ASN A 291 -7.45 -17.99 9.12
C ASN A 291 -7.10 -19.26 9.86
N MET A 292 -5.86 -19.69 9.94
CA MET A 292 -5.46 -20.89 10.68
CA MET A 292 -5.60 -20.95 10.69
C MET A 292 -5.30 -20.63 12.19
N LEU A 293 -5.77 -19.47 12.67
CA LEU A 293 -5.55 -19.11 14.07
C LEU A 293 -6.83 -19.52 14.77
N LYS A 294 -6.72 -19.92 16.03
CA LYS A 294 -7.95 -20.09 16.86
C LYS A 294 -8.87 -18.87 16.75
ZN ZN B . -15.11 16.52 -2.52
O1 SRT C . -16.15 14.57 -4.36
O11 SRT C . -16.94 16.59 -3.76
C1 SRT C . -16.93 15.54 -4.44
C2 SRT C . -17.86 15.37 -5.60
O2 SRT C . -18.99 14.74 -5.11
C3 SRT C . -18.04 16.71 -6.29
O3 SRT C . -16.79 16.81 -7.05
C4 SRT C . -19.26 16.78 -7.20
O4 SRT C . -20.40 17.10 -6.74
O41 SRT C . -19.08 16.49 -8.45
S SO4 D . 6.13 16.19 -5.26
O1 SO4 D . 5.35 16.94 -6.27
O2 SO4 D . 7.23 17.07 -4.75
O3 SO4 D . 6.68 15.00 -5.99
O4 SO4 D . 5.31 15.80 -4.07
S SO4 E . 12.70 1.58 11.83
O1 SO4 E . 13.48 2.86 11.74
O2 SO4 E . 11.26 1.78 12.09
O3 SO4 E . 12.64 0.93 10.50
O4 SO4 E . 13.38 0.74 12.88
#